data_8A3O
#
_entry.id   8A3O
#
_cell.length_a   86.421
_cell.length_b   45.273
_cell.length_c   93.956
_cell.angle_alpha   90.000
_cell.angle_beta   109.930
_cell.angle_gamma   90.000
#
_symmetry.space_group_name_H-M   'P 1 21 1'
#
loop_
_entity.id
_entity.type
_entity.pdbx_description
1 polymer 'Quinone oxidoreductase-like protein 1'
2 water water
#
_entity_poly.entity_id   1
_entity_poly.type   'polypeptide(L)'
_entity_poly.pdbx_seq_one_letter_code
;MSHHHHHHKGLYFQQSSTDEEITFVFQEKEDLPVTEDNFVKLQVKACALSQINTKLLAEMKMKKDLFPVGREIAGIVLDV
GSKVSFFQPDDEVVGILPLDSEDPGLCEVVRVHEHYLVHKPEKVTWTEAAGSIRDGVRAYTALHYLSHLSPGKSVLIMDG
ASAFGTIAIQLAHHRGAKVISTACSLEDKQCLERFRPPIARVIDVSNGKVHVAESCLEETGGLGVDIVLDAGVRLYSKDD
EPAVKLQLLPHKHDIITLLGVGGHWVTTEENLQLDPPDSHCLFLKGATLAFLNDEVWNLSNVQQGKYLCILKDVMEKLST
GVFRPQLDEPIPLYEAKVSMEAVQKNQGRKKQVVQF
;
_entity_poly.pdbx_strand_id   A,B
#
# COMPACT_ATOMS: atom_id res chain seq x y z
N HIS A 6 25.05 -39.05 -11.47
CA HIS A 6 24.52 -38.83 -12.83
C HIS A 6 23.13 -38.19 -12.77
N HIS A 7 22.13 -38.99 -12.41
CA HIS A 7 20.75 -38.54 -12.34
C HIS A 7 20.31 -38.41 -10.89
N HIS A 8 19.18 -37.73 -10.69
CA HIS A 8 18.58 -37.66 -9.37
C HIS A 8 17.06 -37.69 -9.52
N LYS A 9 16.39 -38.10 -8.45
CA LYS A 9 14.94 -38.21 -8.42
C LYS A 9 14.31 -36.87 -8.05
N GLY A 10 13.37 -36.43 -8.86
CA GLY A 10 12.71 -35.15 -8.63
C GLY A 10 11.21 -35.29 -8.69
N LEU A 11 10.52 -34.57 -7.80
CA LEU A 11 9.06 -34.60 -7.79
C LEU A 11 8.52 -33.60 -8.81
N TYR A 12 7.59 -34.07 -9.62
CA TYR A 12 6.91 -33.26 -10.62
C TYR A 12 5.41 -33.41 -10.45
N PHE A 13 4.66 -32.64 -11.23
CA PHE A 13 3.21 -32.77 -11.27
C PHE A 13 2.74 -32.60 -12.71
N GLN A 14 1.62 -33.25 -13.01
CA GLN A 14 0.96 -33.15 -14.30
C GLN A 14 -0.52 -32.86 -14.08
N GLN A 15 -1.19 -32.35 -15.11
CA GLN A 15 -2.57 -31.89 -15.01
C GLN A 15 -3.42 -32.49 -16.12
N SER A 16 -4.64 -32.93 -15.75
CA SER A 16 -5.62 -33.38 -16.72
C SER A 16 -6.26 -32.20 -17.44
N SER A 17 -6.85 -32.48 -18.61
CA SER A 17 -7.35 -31.41 -19.47
C SER A 17 -8.62 -30.76 -18.92
N THR A 18 -9.63 -31.54 -18.60
CA THR A 18 -10.90 -30.98 -18.13
C THR A 18 -10.98 -30.81 -16.63
N ASP A 19 -10.08 -31.44 -15.87
CA ASP A 19 -9.98 -31.25 -14.43
C ASP A 19 -8.79 -30.36 -14.13
N GLU A 20 -9.02 -29.29 -13.37
CA GLU A 20 -7.92 -28.49 -12.85
C GLU A 20 -7.07 -29.26 -11.84
N GLU A 21 -7.49 -30.46 -11.45
CA GLU A 21 -6.74 -31.27 -10.49
C GLU A 21 -5.38 -31.65 -11.06
N ILE A 22 -4.39 -31.74 -10.18
CA ILE A 22 -3.02 -32.08 -10.54
C ILE A 22 -2.59 -33.31 -9.76
N THR A 23 -1.82 -34.18 -10.40
CA THR A 23 -1.28 -35.38 -9.77
C THR A 23 0.23 -35.27 -9.69
N PHE A 24 0.81 -35.84 -8.65
CA PHE A 24 2.25 -35.76 -8.40
C PHE A 24 2.92 -37.08 -8.75
N VAL A 25 4.08 -36.98 -9.39
CA VAL A 25 4.82 -38.14 -9.87
C VAL A 25 6.30 -37.91 -9.64
N PHE A 26 7.01 -38.96 -9.22
CA PHE A 26 8.47 -38.92 -9.17
C PHE A 26 9.03 -39.27 -10.54
N GLN A 27 9.98 -38.45 -11.02
CA GLN A 27 10.67 -38.73 -12.27
C GLN A 27 12.16 -38.49 -12.08
N GLU A 28 12.98 -39.40 -12.60
CA GLU A 28 14.42 -39.21 -12.56
C GLU A 28 14.84 -38.31 -13.71
N LYS A 29 15.77 -37.40 -13.46
CA LYS A 29 16.29 -36.57 -14.52
C LYS A 29 17.71 -36.16 -14.21
N GLU A 30 18.40 -35.65 -15.24
CA GLU A 30 19.80 -35.33 -15.14
C GLU A 30 20.03 -34.06 -14.33
N ASP A 31 21.22 -33.96 -13.74
CA ASP A 31 21.64 -32.71 -13.14
C ASP A 31 21.97 -31.72 -14.25
N LEU A 32 21.28 -30.59 -14.28
CA LEU A 32 21.64 -29.54 -15.20
C LEU A 32 23.04 -29.03 -14.86
N PRO A 33 23.96 -29.02 -15.82
CA PRO A 33 25.30 -28.47 -15.54
C PRO A 33 25.31 -26.95 -15.63
N VAL A 34 26.16 -26.35 -14.80
CA VAL A 34 26.37 -24.92 -14.80
C VAL A 34 27.64 -24.62 -15.61
N THR A 35 27.50 -23.76 -16.61
CA THR A 35 28.61 -23.45 -17.50
C THR A 35 28.40 -22.08 -18.14
N GLU A 36 29.34 -21.17 -17.91
CA GLU A 36 29.35 -19.86 -18.57
C GLU A 36 28.02 -19.13 -18.38
N ASP A 37 27.48 -19.21 -17.17
CA ASP A 37 26.18 -18.63 -16.88
C ASP A 37 26.14 -18.13 -15.43
N ASN A 38 25.01 -17.52 -15.07
CA ASN A 38 24.79 -16.97 -13.74
C ASN A 38 24.13 -17.97 -12.79
N PHE A 39 24.16 -19.25 -13.13
CA PHE A 39 23.49 -20.26 -12.32
C PHE A 39 24.47 -20.90 -11.34
N VAL A 40 23.95 -21.24 -10.17
CA VAL A 40 24.67 -22.01 -9.16
C VAL A 40 24.00 -23.36 -9.03
N LYS A 41 24.81 -24.38 -8.79
CA LYS A 41 24.34 -25.74 -8.57
C LYS A 41 24.48 -26.05 -7.09
N LEU A 42 23.36 -26.42 -6.46
CA LEU A 42 23.24 -26.59 -5.02
C LEU A 42 22.97 -28.04 -4.66
N GLN A 43 23.68 -28.50 -3.63
CA GLN A 43 23.28 -29.69 -2.88
C GLN A 43 22.15 -29.29 -1.94
N VAL A 44 20.94 -29.78 -2.20
CA VAL A 44 19.77 -29.33 -1.46
C VAL A 44 19.74 -30.02 -0.11
N LYS A 45 19.74 -29.24 0.96
CA LYS A 45 19.63 -29.76 2.32
C LYS A 45 18.20 -29.77 2.83
N ALA A 46 17.38 -28.78 2.48
CA ALA A 46 16.00 -28.75 2.94
C ALA A 46 15.12 -28.08 1.91
N CYS A 47 13.90 -28.60 1.73
CA CYS A 47 12.93 -27.98 0.82
C CYS A 47 11.54 -28.00 1.44
N ALA A 48 11.05 -26.83 1.83
CA ALA A 48 9.70 -26.68 2.36
C ALA A 48 8.65 -26.95 1.27
N LEU A 49 7.40 -27.13 1.70
CA LEU A 49 6.29 -27.41 0.80
C LEU A 49 5.25 -26.31 0.88
N SER A 50 4.59 -26.06 -0.25
CA SER A 50 3.54 -25.05 -0.35
C SER A 50 2.57 -25.46 -1.44
N GLN A 51 1.28 -25.30 -1.15
CA GLN A 51 0.25 -25.49 -2.15
C GLN A 51 0.55 -24.70 -3.42
N ILE A 52 0.39 -25.35 -4.56
CA ILE A 52 0.69 -24.74 -5.86
C ILE A 52 -0.58 -24.10 -6.39
N ASN A 53 -0.52 -22.79 -6.63
CA ASN A 53 -1.60 -22.10 -7.32
C ASN A 53 -1.54 -22.45 -8.79
N THR A 54 -2.33 -23.44 -9.21
CA THR A 54 -2.37 -23.87 -10.60
C THR A 54 -2.82 -22.75 -11.52
N LYS A 55 -3.77 -21.92 -11.05
CA LYS A 55 -4.28 -20.83 -11.88
C LYS A 55 -3.18 -19.85 -12.27
N LEU A 56 -2.46 -19.33 -11.28
CA LEU A 56 -1.41 -18.36 -11.56
C LEU A 56 -0.35 -18.93 -12.50
N LEU A 57 0.06 -20.19 -12.24
CA LEU A 57 1.00 -20.86 -13.13
C LEU A 57 0.46 -20.94 -14.54
N ALA A 58 -0.84 -21.23 -14.68
CA ALA A 58 -1.44 -21.28 -16.01
C ALA A 58 -1.37 -19.92 -16.69
N GLU A 59 -1.63 -18.84 -15.94
CA GLU A 59 -1.55 -17.50 -16.51
C GLU A 59 -0.12 -17.16 -16.92
N MET A 60 0.87 -17.79 -16.29
CA MET A 60 2.25 -17.58 -16.71
C MET A 60 2.51 -18.01 -18.15
N LYS A 61 1.65 -18.87 -18.70
CA LYS A 61 1.66 -19.31 -20.11
C LYS A 61 2.81 -20.26 -20.43
N MET A 62 3.30 -21.03 -19.48
CA MET A 62 4.38 -21.96 -19.73
C MET A 62 3.85 -23.21 -20.44
N LYS A 63 4.62 -23.70 -21.41
CA LYS A 63 4.27 -24.89 -22.18
C LYS A 63 5.08 -26.07 -21.66
N LYS A 64 4.49 -26.83 -20.72
CA LYS A 64 5.13 -28.00 -20.15
C LYS A 64 4.10 -29.10 -19.94
N ASP A 65 4.56 -30.34 -20.02
CA ASP A 65 3.73 -31.50 -19.69
C ASP A 65 3.97 -32.01 -18.27
N LEU A 66 5.20 -31.90 -17.79
CA LEU A 66 5.54 -32.19 -16.40
C LEU A 66 6.09 -30.92 -15.77
N PHE A 67 5.54 -30.52 -14.62
CA PHE A 67 5.97 -29.30 -13.96
C PHE A 67 6.73 -29.64 -12.67
N PRO A 68 7.82 -28.93 -12.39
CA PRO A 68 8.61 -29.24 -11.19
C PRO A 68 7.94 -28.74 -9.92
N VAL A 69 8.24 -29.43 -8.83
CA VAL A 69 7.63 -29.14 -7.53
C VAL A 69 8.74 -28.90 -6.51
N GLY A 70 8.50 -27.94 -5.61
CA GLY A 70 9.50 -27.56 -4.64
C GLY A 70 10.19 -26.26 -5.02
N ARG A 71 10.10 -25.26 -4.15
CA ARG A 71 10.67 -23.95 -4.43
C ARG A 71 11.36 -23.29 -3.24
N GLU A 72 11.08 -23.71 -2.01
CA GLU A 72 11.62 -23.06 -0.81
C GLU A 72 12.80 -23.90 -0.29
N ILE A 73 14.01 -23.50 -0.66
CA ILE A 73 15.18 -24.36 -0.54
C ILE A 73 16.22 -23.75 0.36
N ALA A 74 17.00 -24.62 1.00
CA ALA A 74 18.26 -24.25 1.63
C ALA A 74 19.28 -25.35 1.32
N GLY A 75 20.49 -24.97 0.93
CA GLY A 75 21.48 -25.97 0.65
C GLY A 75 22.87 -25.39 0.50
N ILE A 76 23.76 -26.22 -0.03
CA ILE A 76 25.19 -25.91 -0.14
C ILE A 76 25.54 -25.78 -1.62
N VAL A 77 26.24 -24.69 -1.96
CA VAL A 77 26.63 -24.46 -3.35
C VAL A 77 27.63 -25.53 -3.77
N LEU A 78 27.25 -26.35 -4.75
CA LEU A 78 28.19 -27.35 -5.26
C LEU A 78 29.10 -26.75 -6.32
N ASP A 79 28.54 -26.01 -7.27
CA ASP A 79 29.34 -25.40 -8.33
C ASP A 79 28.73 -24.07 -8.70
N VAL A 80 29.46 -23.28 -9.48
CA VAL A 80 29.00 -21.98 -9.94
C VAL A 80 29.37 -21.81 -11.40
N GLY A 81 28.50 -21.14 -12.15
CA GLY A 81 28.82 -20.76 -13.51
C GLY A 81 29.87 -19.66 -13.53
N SER A 82 30.30 -19.33 -14.76
CA SER A 82 31.41 -18.41 -14.92
C SER A 82 31.08 -17.03 -14.35
N LYS A 83 29.88 -16.52 -14.62
CA LYS A 83 29.51 -15.15 -14.32
C LYS A 83 29.05 -14.94 -12.87
N VAL A 84 28.75 -16.03 -12.15
CA VAL A 84 28.29 -15.93 -10.77
C VAL A 84 29.30 -15.14 -9.95
N SER A 85 28.78 -14.31 -9.04
CA SER A 85 29.67 -13.44 -8.28
C SER A 85 29.41 -13.53 -6.78
N PHE A 86 28.15 -13.69 -6.38
CA PHE A 86 27.85 -13.57 -4.96
C PHE A 86 28.12 -14.84 -4.17
N PHE A 87 28.47 -15.95 -4.83
CA PHE A 87 28.55 -17.23 -4.14
C PHE A 87 29.72 -18.04 -4.68
N GLN A 88 30.36 -18.79 -3.79
CA GLN A 88 31.42 -19.74 -4.10
C GLN A 88 31.08 -21.08 -3.48
N PRO A 89 31.63 -22.17 -4.00
CA PRO A 89 31.29 -23.49 -3.45
C PRO A 89 31.58 -23.59 -1.95
N ASP A 90 30.72 -24.33 -1.26
CA ASP A 90 30.65 -24.56 0.19
C ASP A 90 29.84 -23.49 0.93
N ASP A 91 29.43 -22.41 0.26
CA ASP A 91 28.57 -21.43 0.90
C ASP A 91 27.22 -22.05 1.24
N GLU A 92 26.59 -21.52 2.30
CA GLU A 92 25.30 -22.04 2.77
C GLU A 92 24.21 -21.03 2.41
N VAL A 93 23.28 -21.44 1.55
CA VAL A 93 22.37 -20.52 0.90
C VAL A 93 20.92 -20.94 1.15
N VAL A 94 20.02 -19.99 0.97
CA VAL A 94 18.59 -20.21 1.11
C VAL A 94 17.88 -19.29 0.12
N GLY A 95 16.81 -19.80 -0.49
CA GLY A 95 16.10 -18.97 -1.45
C GLY A 95 14.81 -19.63 -1.89
N ILE A 96 14.09 -18.90 -2.74
CA ILE A 96 12.84 -19.36 -3.33
C ILE A 96 13.03 -19.39 -4.84
N LEU A 97 12.81 -20.57 -5.44
CA LEU A 97 12.95 -20.75 -6.87
C LEU A 97 11.83 -20.03 -7.62
N PRO A 98 12.13 -19.51 -8.81
CA PRO A 98 11.11 -18.76 -9.56
C PRO A 98 9.96 -19.66 -10.02
N LEU A 99 8.85 -19.00 -10.37
CA LEU A 99 7.70 -19.71 -10.92
C LEU A 99 8.06 -20.44 -12.21
N ASP A 100 8.97 -19.88 -13.00
CA ASP A 100 9.41 -20.45 -14.27
C ASP A 100 10.64 -21.33 -14.12
N SER A 101 10.90 -21.85 -12.91
CA SER A 101 12.06 -22.69 -12.68
C SER A 101 12.01 -23.94 -13.55
N GLU A 102 13.17 -24.33 -14.06
CA GLU A 102 13.28 -25.55 -14.86
C GLU A 102 13.34 -26.79 -13.97
N ASP A 103 14.15 -26.75 -12.90
CA ASP A 103 14.46 -27.80 -11.95
C ASP A 103 13.50 -27.78 -10.76
N PRO A 104 13.16 -28.96 -10.23
CA PRO A 104 12.35 -29.00 -9.01
C PRO A 104 13.18 -28.76 -7.76
N GLY A 105 12.57 -28.08 -6.80
CA GLY A 105 13.21 -27.94 -5.50
C GLY A 105 13.25 -29.23 -4.71
N LEU A 106 12.32 -30.14 -5.01
CA LEU A 106 12.30 -31.45 -4.36
C LEU A 106 13.20 -32.40 -5.13
N CYS A 107 14.50 -32.29 -4.84
CA CYS A 107 15.56 -33.04 -5.51
C CYS A 107 16.85 -32.72 -4.80
N GLU A 108 17.78 -33.69 -4.78
CA GLU A 108 19.01 -33.51 -4.03
C GLU A 108 19.87 -32.37 -4.59
N VAL A 109 19.88 -32.17 -5.90
CA VAL A 109 20.65 -31.11 -6.53
C VAL A 109 19.69 -30.25 -7.33
N VAL A 110 19.92 -28.94 -7.31
CA VAL A 110 19.08 -28.02 -8.08
C VAL A 110 19.98 -26.94 -8.65
N ARG A 111 19.61 -26.45 -9.83
CA ARG A 111 20.31 -25.37 -10.50
C ARG A 111 19.44 -24.12 -10.44
N VAL A 112 19.96 -23.04 -9.85
CA VAL A 112 19.18 -21.82 -9.67
C VAL A 112 20.03 -20.60 -10.00
N HIS A 113 19.42 -19.61 -10.65
CA HIS A 113 20.09 -18.34 -10.90
C HIS A 113 20.49 -17.69 -9.59
N GLU A 114 21.62 -16.98 -9.61
CA GLU A 114 22.21 -16.48 -8.37
C GLU A 114 21.41 -15.36 -7.72
N HIS A 115 20.62 -14.61 -8.51
CA HIS A 115 19.85 -13.50 -7.96
C HIS A 115 18.56 -13.93 -7.26
N TYR A 116 18.44 -15.22 -6.93
CA TYR A 116 17.33 -15.73 -6.14
C TYR A 116 17.73 -16.20 -4.75
N LEU A 117 19.02 -16.22 -4.42
CA LEU A 117 19.50 -16.77 -3.17
C LEU A 117 20.08 -15.70 -2.27
N VAL A 118 20.09 -15.97 -0.96
CA VAL A 118 20.88 -15.22 0.01
C VAL A 118 21.65 -16.21 0.86
N HIS A 119 22.60 -15.70 1.62
CA HIS A 119 23.36 -16.56 2.52
C HIS A 119 22.50 -16.94 3.72
N LYS A 120 22.78 -18.12 4.27
CA LYS A 120 22.04 -18.59 5.43
C LYS A 120 22.81 -18.28 6.70
N PRO A 121 22.18 -17.69 7.71
CA PRO A 121 22.83 -17.59 9.01
C PRO A 121 23.13 -18.97 9.56
N GLU A 122 24.27 -19.10 10.25
CA GLU A 122 24.68 -20.42 10.73
C GLU A 122 23.76 -20.93 11.83
N LYS A 123 23.34 -20.05 12.74
CA LYS A 123 22.47 -20.49 13.82
C LYS A 123 21.13 -21.02 13.33
N VAL A 124 20.73 -20.68 12.10
CA VAL A 124 19.51 -21.22 11.51
C VAL A 124 19.78 -22.63 11.00
N THR A 125 18.93 -23.58 11.37
CA THR A 125 19.03 -24.90 10.78
C THR A 125 18.50 -24.88 9.34
N TRP A 126 18.80 -25.96 8.60
CA TRP A 126 18.35 -26.05 7.21
C TRP A 126 16.83 -26.03 7.14
N THR A 127 16.18 -26.91 7.91
CA THR A 127 14.73 -27.01 7.87
C THR A 127 14.07 -25.71 8.30
N GLU A 128 14.65 -25.00 9.27
CA GLU A 128 14.07 -23.75 9.74
C GLU A 128 14.14 -22.67 8.66
N ALA A 129 15.29 -22.56 8.00
CA ALA A 129 15.43 -21.58 6.93
C ALA A 129 14.46 -21.84 5.80
N ALA A 130 14.48 -23.06 5.26
CA ALA A 130 13.57 -23.42 4.17
C ALA A 130 12.11 -23.23 4.59
N GLY A 131 11.78 -23.56 5.83
CA GLY A 131 10.42 -23.45 6.30
C GLY A 131 9.98 -22.07 6.72
N SER A 132 10.90 -21.10 6.73
CA SER A 132 10.58 -19.73 7.10
C SER A 132 10.66 -18.73 5.96
N ILE A 133 11.42 -19.03 4.90
CA ILE A 133 11.76 -18.00 3.91
C ILE A 133 10.50 -17.39 3.29
N ARG A 134 9.62 -18.23 2.73
CA ARG A 134 8.50 -17.71 1.96
C ARG A 134 7.46 -17.05 2.86
N ASP A 135 7.08 -17.71 3.96
CA ASP A 135 6.05 -17.12 4.81
C ASP A 135 6.56 -15.87 5.50
N GLY A 136 7.83 -15.85 5.92
CA GLY A 136 8.41 -14.63 6.46
C GLY A 136 8.41 -13.50 5.46
N VAL A 137 8.59 -13.82 4.17
CA VAL A 137 8.54 -12.79 3.14
C VAL A 137 7.11 -12.26 2.95
N ARG A 138 6.14 -13.16 2.83
CA ARG A 138 4.74 -12.74 2.76
C ARG A 138 4.38 -11.83 3.93
N ALA A 139 4.64 -12.28 5.15
CA ALA A 139 4.36 -11.47 6.35
C ALA A 139 5.08 -10.14 6.28
N TYR A 140 6.35 -10.16 5.88
CA TYR A 140 7.15 -8.94 5.92
C TYR A 140 6.60 -7.91 4.94
N THR A 141 6.25 -8.32 3.74
CA THR A 141 5.76 -7.36 2.76
C THR A 141 4.34 -6.91 3.06
N ALA A 142 3.53 -7.78 3.67
CA ALA A 142 2.18 -7.38 4.03
C ALA A 142 2.18 -6.38 5.18
N LEU A 143 2.99 -6.61 6.21
CA LEU A 143 3.00 -5.75 7.39
C LEU A 143 3.97 -4.58 7.27
N HIS A 144 4.87 -4.58 6.30
CA HIS A 144 5.89 -3.55 6.23
C HIS A 144 5.90 -2.79 4.91
N TYR A 145 5.39 -3.36 3.83
CA TYR A 145 5.36 -2.70 2.53
C TYR A 145 3.95 -2.41 2.01
N LEU A 146 2.99 -3.30 2.27
CA LEU A 146 1.60 -3.06 1.91
C LEU A 146 0.89 -2.21 2.96
N SER A 147 1.03 -2.58 4.22
CA SER A 147 0.73 -1.71 5.36
C SER A 147 2.04 -1.38 6.06
N HIS A 148 1.96 -0.61 7.14
CA HIS A 148 3.14 -0.07 7.79
C HIS A 148 2.97 -0.26 9.29
N LEU A 149 3.44 -1.41 9.79
CA LEU A 149 3.41 -1.68 11.21
C LEU A 149 4.14 -0.59 11.98
N SER A 150 3.63 -0.30 13.18
CA SER A 150 4.10 0.79 13.99
C SER A 150 3.59 0.53 15.40
N PRO A 151 4.38 0.83 16.44
CA PRO A 151 3.93 0.54 17.80
C PRO A 151 2.59 1.19 18.11
N GLY A 152 1.69 0.40 18.69
CA GLY A 152 0.39 0.88 19.12
C GLY A 152 -0.75 0.55 18.17
N LYS A 153 -0.46 0.31 16.90
CA LYS A 153 -1.51 0.00 15.93
C LYS A 153 -2.17 -1.35 16.25
N SER A 154 -3.41 -1.48 15.78
CA SER A 154 -4.18 -2.72 15.91
C SER A 154 -4.17 -3.47 14.58
N VAL A 155 -3.90 -4.79 14.65
CA VAL A 155 -3.80 -5.64 13.47
C VAL A 155 -4.73 -6.82 13.65
N LEU A 156 -5.74 -6.93 12.77
CA LEU A 156 -6.58 -8.12 12.67
C LEU A 156 -5.94 -9.09 11.69
N ILE A 157 -5.59 -10.28 12.16
CA ILE A 157 -4.91 -11.29 11.36
C ILE A 157 -5.84 -12.49 11.21
N MET A 158 -6.24 -12.79 9.98
CA MET A 158 -7.04 -13.99 9.73
C MET A 158 -6.21 -15.25 10.03
N ASP A 159 -6.91 -16.30 10.47
CA ASP A 159 -6.29 -17.50 11.05
C ASP A 159 -5.30 -17.17 12.14
N GLY A 160 -4.02 -17.25 11.81
CA GLY A 160 -2.97 -17.09 12.78
C GLY A 160 -2.49 -18.40 13.38
N ALA A 161 -3.31 -19.45 13.33
CA ALA A 161 -2.84 -20.78 13.68
C ALA A 161 -2.10 -21.42 12.51
N SER A 162 -2.24 -20.86 11.30
CA SER A 162 -1.48 -21.31 10.15
C SER A 162 -0.02 -20.93 10.32
N ALA A 163 0.82 -21.48 9.44
CA ALA A 163 2.23 -21.10 9.43
C ALA A 163 2.38 -19.60 9.19
N PHE A 164 1.74 -19.10 8.13
CA PHE A 164 1.81 -17.69 7.81
C PHE A 164 1.28 -16.83 8.94
N GLY A 165 0.07 -17.15 9.42
CA GLY A 165 -0.49 -16.37 10.52
C GLY A 165 0.38 -16.37 11.76
N THR A 166 1.13 -17.46 11.98
CA THR A 166 2.06 -17.51 13.10
C THR A 166 3.22 -16.52 12.90
N ILE A 167 3.89 -16.59 11.74
CA ILE A 167 4.96 -15.64 11.46
C ILE A 167 4.43 -14.21 11.54
N ALA A 168 3.23 -13.97 11.01
CA ALA A 168 2.65 -12.63 11.01
C ALA A 168 2.41 -12.13 12.43
N ILE A 169 1.78 -12.96 13.27
CA ILE A 169 1.52 -12.54 14.65
C ILE A 169 2.83 -12.21 15.36
N GLN A 170 3.87 -13.02 15.12
CA GLN A 170 5.17 -12.72 15.74
C GLN A 170 5.72 -11.38 15.25
N LEU A 171 5.58 -11.09 13.95
CA LEU A 171 6.04 -9.80 13.43
C LEU A 171 5.31 -8.64 14.10
N ALA A 172 3.97 -8.74 14.16
CA ALA A 172 3.16 -7.68 14.75
C ALA A 172 3.55 -7.44 16.21
N HIS A 173 3.72 -8.51 16.98
CA HIS A 173 4.13 -8.35 18.37
C HIS A 173 5.52 -7.72 18.46
N HIS A 174 6.43 -8.12 17.57
CA HIS A 174 7.77 -7.55 17.57
C HIS A 174 7.74 -6.05 17.34
N ARG A 175 6.74 -5.54 16.61
CA ARG A 175 6.60 -4.11 16.36
C ARG A 175 5.57 -3.45 17.29
N GLY A 176 5.35 -4.03 18.47
CA GLY A 176 4.45 -3.45 19.44
C GLY A 176 3.00 -3.30 19.01
N ALA A 177 2.52 -4.19 18.16
CA ALA A 177 1.14 -4.10 17.69
C ALA A 177 0.23 -4.94 18.56
N LYS A 178 -0.95 -4.41 18.86
CA LYS A 178 -2.00 -5.23 19.48
C LYS A 178 -2.64 -6.08 18.39
N VAL A 179 -2.71 -7.39 18.63
CA VAL A 179 -3.12 -8.35 17.61
C VAL A 179 -4.49 -8.89 17.97
N ILE A 180 -5.41 -8.83 17.00
CA ILE A 180 -6.67 -9.54 17.05
C ILE A 180 -6.63 -10.59 15.95
N SER A 181 -6.97 -11.84 16.31
CA SER A 181 -6.87 -12.94 15.37
C SER A 181 -8.09 -13.83 15.49
N THR A 182 -8.51 -14.39 14.35
CA THR A 182 -9.68 -15.26 14.27
C THR A 182 -9.23 -16.71 14.26
N ALA A 183 -9.58 -17.45 15.29
CA ALA A 183 -9.43 -18.90 15.30
C ALA A 183 -10.71 -19.54 14.79
N CYS A 184 -10.55 -20.70 14.14
CA CYS A 184 -11.69 -21.39 13.54
C CYS A 184 -11.92 -22.75 14.17
N SER A 185 -10.93 -23.63 14.15
CA SER A 185 -11.07 -24.96 14.72
C SER A 185 -10.95 -24.91 16.24
N LEU A 186 -11.18 -26.06 16.88
CA LEU A 186 -10.82 -26.23 18.28
C LEU A 186 -9.31 -26.19 18.45
N GLU A 187 -8.60 -27.03 17.69
CA GLU A 187 -7.15 -27.08 17.75
C GLU A 187 -6.52 -25.73 17.40
N ASP A 188 -7.14 -25.00 16.46
CA ASP A 188 -6.69 -23.64 16.17
C ASP A 188 -6.78 -22.74 17.40
N LYS A 189 -7.89 -22.84 18.14
CA LYS A 189 -8.06 -22.01 19.33
C LYS A 189 -7.01 -22.34 20.39
N GLN A 190 -6.74 -23.63 20.60
CA GLN A 190 -5.70 -24.01 21.55
C GLN A 190 -4.33 -23.48 21.11
N CYS A 191 -4.01 -23.66 19.82
CA CYS A 191 -2.74 -23.19 19.29
C CYS A 191 -2.54 -21.70 19.53
N LEU A 192 -3.57 -20.91 19.25
CA LEU A 192 -3.53 -19.48 19.56
C LEU A 192 -3.49 -19.21 21.06
N GLU A 193 -3.94 -20.16 21.87
CA GLU A 193 -3.83 -20.01 23.32
C GLU A 193 -2.41 -20.23 23.82
N ARG A 194 -1.55 -20.90 23.04
CA ARG A 194 -0.22 -21.27 23.51
C ARG A 194 0.89 -20.30 23.09
N PHE A 195 0.57 -19.09 22.64
CA PHE A 195 1.60 -18.18 22.15
C PHE A 195 2.38 -17.55 23.31
N ARG A 196 3.70 -17.43 23.11
CA ARG A 196 4.59 -17.01 24.20
C ARG A 196 4.26 -15.63 24.73
N PRO A 197 4.10 -14.60 23.90
CA PRO A 197 3.43 -13.40 24.36
C PRO A 197 1.96 -13.47 23.96
N PRO A 198 1.04 -13.38 24.91
CA PRO A 198 -0.37 -13.60 24.58
C PRO A 198 -0.89 -12.53 23.63
N ILE A 199 -1.66 -12.97 22.64
CA ILE A 199 -2.32 -12.02 21.75
C ILE A 199 -3.55 -11.44 22.44
N ALA A 200 -3.94 -10.24 22.02
CA ALA A 200 -4.95 -9.48 22.74
C ALA A 200 -6.31 -10.17 22.72
N ARG A 201 -6.79 -10.55 21.54
CA ARG A 201 -8.16 -11.06 21.43
C ARG A 201 -8.19 -12.15 20.37
N VAL A 202 -8.44 -13.38 20.80
CA VAL A 202 -8.73 -14.48 19.88
C VAL A 202 -10.24 -14.55 19.75
N ILE A 203 -10.74 -14.26 18.56
CA ILE A 203 -12.18 -14.33 18.32
C ILE A 203 -12.46 -15.71 17.74
N ASP A 204 -13.37 -16.45 18.39
CA ASP A 204 -13.62 -17.85 18.05
C ASP A 204 -14.88 -17.93 17.20
N VAL A 205 -14.69 -18.08 15.90
CA VAL A 205 -15.80 -18.19 14.95
C VAL A 205 -15.99 -19.65 14.59
N SER A 206 -16.04 -20.51 15.62
CA SER A 206 -16.30 -21.93 15.38
C SER A 206 -17.62 -22.11 14.66
N ASN A 207 -18.66 -21.43 15.13
CA ASN A 207 -19.97 -21.43 14.49
C ASN A 207 -20.46 -19.99 14.35
N GLY A 208 -21.63 -19.82 13.76
CA GLY A 208 -22.16 -18.48 13.61
C GLY A 208 -22.70 -17.91 14.90
N LYS A 209 -21.85 -17.82 15.92
CA LYS A 209 -22.24 -17.32 17.23
C LYS A 209 -21.56 -16.02 17.63
N VAL A 210 -20.51 -15.59 16.93
CA VAL A 210 -19.84 -14.33 17.20
C VAL A 210 -20.01 -13.43 16.00
N HIS A 211 -19.69 -12.15 16.20
CA HIS A 211 -19.55 -11.21 15.11
C HIS A 211 -18.15 -10.62 15.21
N VAL A 212 -17.34 -10.87 14.18
CA VAL A 212 -15.99 -10.35 14.19
C VAL A 212 -16.00 -8.82 14.08
N ALA A 213 -16.94 -8.23 13.36
CA ALA A 213 -17.02 -6.78 13.28
C ALA A 213 -17.38 -6.18 14.63
N GLU A 214 -18.40 -6.74 15.29
CA GLU A 214 -18.81 -6.22 16.58
C GLU A 214 -17.72 -6.44 17.64
N SER A 215 -17.05 -7.60 17.59
CA SER A 215 -16.01 -7.88 18.58
C SER A 215 -14.78 -7.01 18.36
N CYS A 216 -14.37 -6.85 17.11
CA CYS A 216 -13.21 -6.00 16.81
C CYS A 216 -13.51 -4.54 17.11
N LEU A 217 -14.75 -4.09 16.83
CA LEU A 217 -15.13 -2.74 17.20
C LEU A 217 -15.20 -2.58 18.73
N GLU A 218 -15.59 -3.64 19.43
CA GLU A 218 -15.48 -3.66 20.89
C GLU A 218 -14.05 -3.39 21.32
N GLU A 219 -13.12 -4.23 20.86
CA GLU A 219 -11.74 -4.15 21.32
C GLU A 219 -11.12 -2.80 20.95
N THR A 220 -11.38 -2.32 19.73
CA THR A 220 -10.76 -1.08 19.29
C THR A 220 -11.33 0.15 20.01
N GLY A 221 -12.51 0.04 20.62
CA GLY A 221 -13.16 1.20 21.18
C GLY A 221 -13.96 2.01 20.19
N GLY A 222 -14.36 1.41 19.08
CA GLY A 222 -15.09 2.10 18.04
C GLY A 222 -14.22 2.78 17.00
N LEU A 223 -12.93 2.95 17.29
CA LEU A 223 -12.04 3.62 16.34
C LEU A 223 -11.80 2.76 15.11
N GLY A 224 -11.67 1.44 15.29
CA GLY A 224 -11.50 0.51 14.20
C GLY A 224 -10.08 -0.05 14.14
N VAL A 225 -9.93 -1.13 13.38
CA VAL A 225 -8.65 -1.81 13.23
C VAL A 225 -7.81 -1.09 12.19
N ASP A 226 -6.54 -0.84 12.52
CA ASP A 226 -5.66 -0.12 11.60
C ASP A 226 -5.28 -0.98 10.40
N ILE A 227 -4.87 -2.23 10.64
CA ILE A 227 -4.38 -3.11 9.58
C ILE A 227 -5.18 -4.40 9.61
N VAL A 228 -5.76 -4.76 8.46
CA VAL A 228 -6.42 -6.06 8.30
C VAL A 228 -5.55 -6.92 7.37
N LEU A 229 -5.11 -8.07 7.87
CA LEU A 229 -4.36 -9.05 7.11
C LEU A 229 -5.28 -10.23 6.82
N ASP A 230 -5.61 -10.42 5.55
CA ASP A 230 -6.64 -11.38 5.11
C ASP A 230 -6.00 -12.35 4.11
N ALA A 231 -5.47 -13.46 4.64
CA ALA A 231 -4.76 -14.45 3.83
C ALA A 231 -4.85 -15.82 4.48
N GLY A 232 -5.23 -16.83 3.70
CA GLY A 232 -5.34 -18.19 4.19
C GLY A 232 -6.39 -19.02 3.46
N LEU A 249 -16.01 -17.85 6.84
CA LEU A 249 -15.05 -16.82 7.21
C LEU A 249 -15.53 -15.45 6.71
N PRO A 250 -15.13 -14.38 7.41
CA PRO A 250 -15.82 -13.09 7.28
C PRO A 250 -16.04 -12.62 5.85
N HIS A 251 -17.24 -12.07 5.62
CA HIS A 251 -17.66 -11.47 4.37
C HIS A 251 -16.88 -10.18 4.12
N LYS A 252 -16.93 -9.69 2.87
CA LYS A 252 -16.27 -8.43 2.54
C LYS A 252 -16.80 -7.29 3.40
N HIS A 253 -18.12 -7.28 3.64
CA HIS A 253 -18.75 -6.14 4.28
C HIS A 253 -18.28 -5.99 5.73
N ASP A 254 -18.23 -7.08 6.50
CA ASP A 254 -17.81 -6.97 7.89
C ASP A 254 -16.35 -6.51 8.01
N ILE A 255 -15.49 -6.90 7.07
CA ILE A 255 -14.14 -6.32 7.00
C ILE A 255 -14.23 -4.81 6.84
N ILE A 256 -15.05 -4.34 5.90
CA ILE A 256 -15.09 -2.91 5.62
C ILE A 256 -15.68 -2.11 6.79
N THR A 257 -16.63 -2.68 7.53
CA THR A 257 -17.18 -1.95 8.68
C THR A 257 -16.24 -1.98 9.88
N LEU A 258 -15.47 -3.06 10.07
CA LEU A 258 -14.53 -3.11 11.19
C LEU A 258 -13.25 -2.34 10.94
N LEU A 259 -12.96 -1.95 9.70
CA LEU A 259 -11.74 -1.23 9.39
C LEU A 259 -11.81 0.19 9.94
N GLY A 260 -10.69 0.69 10.43
CA GLY A 260 -10.62 2.01 11.01
C GLY A 260 -10.41 3.11 9.97
N VAL A 261 -10.26 4.34 10.47
CA VAL A 261 -10.06 5.49 9.61
C VAL A 261 -8.60 5.54 9.19
N GLY A 262 -8.37 5.63 7.88
CA GLY A 262 -7.03 5.54 7.34
C GLY A 262 -6.45 4.14 7.34
N GLY A 263 -7.27 3.12 7.59
CA GLY A 263 -6.74 1.77 7.74
C GLY A 263 -6.45 1.10 6.41
N HIS A 264 -5.56 0.11 6.46
CA HIS A 264 -5.14 -0.64 5.29
C HIS A 264 -5.73 -2.05 5.32
N TRP A 265 -6.37 -2.43 4.21
CA TRP A 265 -6.94 -3.76 4.03
C TRP A 265 -6.05 -4.53 3.06
N VAL A 266 -5.26 -5.47 3.60
CA VAL A 266 -4.37 -6.29 2.81
C VAL A 266 -5.04 -7.65 2.57
N THR A 267 -5.25 -8.00 1.31
CA THR A 267 -6.05 -9.16 0.98
C THR A 267 -5.27 -10.14 0.11
N THR A 268 -5.58 -11.42 0.27
CA THR A 268 -5.08 -12.46 -0.62
C THR A 268 -6.05 -12.75 -1.76
N GLU A 269 -7.24 -12.15 -1.74
CA GLU A 269 -8.27 -12.39 -2.74
C GLU A 269 -7.77 -12.01 -4.13
N GLU A 270 -7.74 -13.00 -5.03
CA GLU A 270 -7.31 -12.74 -6.40
C GLU A 270 -8.45 -12.33 -7.31
N ASN A 271 -9.70 -12.52 -6.88
CA ASN A 271 -10.89 -12.19 -7.66
C ASN A 271 -11.90 -11.50 -6.74
N LEU A 272 -11.56 -10.29 -6.32
CA LEU A 272 -12.37 -9.55 -5.35
C LEU A 272 -13.52 -8.83 -6.04
N GLN A 273 -14.71 -8.89 -5.42
CA GLN A 273 -15.89 -8.18 -5.89
C GLN A 273 -16.10 -6.96 -4.98
N LEU A 274 -15.84 -5.77 -5.52
CA LEU A 274 -15.94 -4.53 -4.74
C LEU A 274 -16.98 -3.60 -5.39
N ASP A 275 -18.16 -3.57 -4.80
CA ASP A 275 -19.29 -2.78 -5.29
C ASP A 275 -19.31 -1.39 -4.68
N PRO A 276 -19.94 -0.42 -5.34
CA PRO A 276 -19.75 1.00 -4.99
C PRO A 276 -20.15 1.35 -3.56
N PRO A 277 -21.12 0.65 -2.92
CA PRO A 277 -21.32 0.90 -1.49
C PRO A 277 -20.07 0.60 -0.67
N ASP A 278 -19.57 -0.63 -0.80
CA ASP A 278 -18.33 -1.04 -0.14
C ASP A 278 -17.22 -0.03 -0.38
N SER A 279 -16.99 0.32 -1.65
CA SER A 279 -15.93 1.27 -1.96
C SER A 279 -16.24 2.65 -1.42
N HIS A 280 -17.52 2.97 -1.19
CA HIS A 280 -17.86 4.28 -0.64
C HIS A 280 -17.46 4.36 0.83
N CYS A 281 -17.84 3.35 1.63
CA CYS A 281 -17.36 3.30 3.01
C CYS A 281 -15.83 3.29 3.06
N LEU A 282 -15.18 2.65 2.08
CA LEU A 282 -13.73 2.68 2.03
C LEU A 282 -13.21 4.10 1.84
N PHE A 283 -13.81 4.84 0.90
CA PHE A 283 -13.39 6.22 0.66
C PHE A 283 -13.60 7.08 1.89
N LEU A 284 -14.76 6.98 2.52
CA LEU A 284 -15.05 7.85 3.66
C LEU A 284 -14.12 7.59 4.84
N LYS A 285 -13.53 6.40 4.92
CA LYS A 285 -12.52 6.12 5.93
C LYS A 285 -11.10 6.35 5.42
N GLY A 286 -10.94 6.85 4.19
CA GLY A 286 -9.63 7.09 3.62
C GLY A 286 -8.76 5.85 3.65
N ALA A 287 -9.34 4.73 3.26
CA ALA A 287 -8.70 3.42 3.39
C ALA A 287 -7.92 3.05 2.13
N THR A 288 -6.74 2.48 2.32
CA THR A 288 -6.00 1.87 1.23
C THR A 288 -6.27 0.36 1.20
N LEU A 289 -6.46 -0.18 0.00
CA LEU A 289 -6.63 -1.61 -0.22
C LEU A 289 -5.45 -2.12 -1.01
N ALA A 290 -4.76 -3.13 -0.48
CA ALA A 290 -3.58 -3.68 -1.12
C ALA A 290 -3.72 -5.18 -1.30
N PHE A 291 -3.13 -5.69 -2.37
CA PHE A 291 -3.16 -7.11 -2.69
C PHE A 291 -1.81 -7.73 -2.36
N LEU A 292 -1.82 -8.83 -1.63
CA LEU A 292 -0.59 -9.51 -1.25
C LEU A 292 -0.32 -10.63 -2.26
N ASN A 293 0.77 -10.47 -3.03
CA ASN A 293 1.15 -11.50 -4.00
C ASN A 293 2.68 -11.57 -4.03
N ASP A 294 3.23 -12.51 -3.27
CA ASP A 294 4.68 -12.63 -3.13
C ASP A 294 5.36 -12.98 -4.45
N GLU A 295 4.64 -13.59 -5.39
CA GLU A 295 5.22 -13.90 -6.69
C GLU A 295 5.58 -12.65 -7.48
N VAL A 296 5.14 -11.48 -7.02
CA VAL A 296 5.23 -10.25 -7.81
C VAL A 296 6.69 -9.92 -8.15
N TRP A 297 7.64 -10.40 -7.35
CA TRP A 297 9.03 -10.12 -7.65
C TRP A 297 9.62 -11.09 -8.66
N ASN A 298 9.27 -12.38 -8.57
CA ASN A 298 9.91 -13.35 -9.46
C ASN A 298 9.17 -13.51 -10.78
N LEU A 299 8.03 -12.86 -10.94
CA LEU A 299 7.33 -12.86 -12.23
C LEU A 299 7.70 -11.65 -13.07
N SER A 300 7.87 -10.49 -12.44
CA SER A 300 8.25 -9.29 -13.18
C SER A 300 9.75 -9.24 -13.43
N ASN A 301 10.55 -9.52 -12.40
CA ASN A 301 12.02 -9.52 -12.46
C ASN A 301 12.52 -8.11 -12.82
N VAL A 302 12.32 -7.19 -11.87
CA VAL A 302 12.77 -5.81 -12.06
C VAL A 302 13.52 -5.34 -10.81
N GLN A 303 12.79 -5.04 -9.74
CA GLN A 303 13.41 -4.58 -8.50
C GLN A 303 13.74 -5.75 -7.57
N GLN A 304 14.41 -6.75 -8.14
CA GLN A 304 14.72 -7.95 -7.38
C GLN A 304 15.71 -7.68 -6.25
N GLY A 305 16.54 -6.63 -6.39
CA GLY A 305 17.45 -6.29 -5.32
C GLY A 305 16.74 -5.89 -4.03
N LYS A 306 15.57 -5.27 -4.15
CA LYS A 306 14.72 -5.03 -2.99
C LYS A 306 14.30 -6.35 -2.34
N TYR A 307 13.81 -7.26 -3.18
CA TYR A 307 13.42 -8.60 -2.74
C TYR A 307 14.56 -9.29 -1.99
N LEU A 308 15.79 -9.16 -2.49
CA LEU A 308 16.97 -9.71 -1.82
C LEU A 308 17.06 -9.21 -0.39
N CYS A 309 16.94 -7.90 -0.19
CA CYS A 309 17.02 -7.32 1.15
C CYS A 309 15.89 -7.81 2.04
N ILE A 310 14.71 -8.07 1.45
CA ILE A 310 13.64 -8.68 2.23
C ILE A 310 14.06 -10.05 2.73
N LEU A 311 14.62 -10.88 1.85
CA LEU A 311 15.11 -12.20 2.27
C LEU A 311 16.13 -12.08 3.38
N LYS A 312 17.11 -11.18 3.22
CA LYS A 312 18.16 -11.05 4.23
C LYS A 312 17.59 -10.60 5.57
N ASP A 313 16.64 -9.65 5.55
CA ASP A 313 16.04 -9.24 6.81
C ASP A 313 15.25 -10.38 7.43
N VAL A 314 14.49 -11.13 6.63
CA VAL A 314 13.72 -12.25 7.18
C VAL A 314 14.66 -13.27 7.81
N MET A 315 15.77 -13.59 7.13
CA MET A 315 16.73 -14.55 7.68
C MET A 315 17.39 -14.01 8.94
N GLU A 316 17.65 -12.71 9.00
CA GLU A 316 18.17 -12.11 10.22
C GLU A 316 17.17 -12.27 11.37
N LYS A 317 15.92 -11.85 11.13
CA LYS A 317 14.87 -11.99 12.12
C LYS A 317 14.79 -13.42 12.64
N LEU A 318 14.96 -14.40 11.75
CA LEU A 318 14.95 -15.80 12.15
C LEU A 318 16.16 -16.13 13.02
N SER A 319 17.34 -15.64 12.64
CA SER A 319 18.55 -16.00 13.36
C SER A 319 18.56 -15.42 14.77
N THR A 320 18.06 -14.20 14.94
CA THR A 320 18.05 -13.58 16.27
C THR A 320 16.99 -14.19 17.17
N GLY A 321 15.83 -14.57 16.61
CA GLY A 321 14.85 -15.30 17.39
C GLY A 321 13.44 -14.74 17.37
N VAL A 322 13.23 -13.64 16.63
CA VAL A 322 11.89 -13.07 16.58
C VAL A 322 10.96 -13.86 15.67
N PHE A 323 11.48 -14.82 14.92
CA PHE A 323 10.68 -15.76 14.15
C PHE A 323 10.96 -17.17 14.63
N ARG A 324 9.89 -17.93 14.87
CA ARG A 324 9.97 -19.37 15.07
C ARG A 324 8.86 -20.00 14.23
N PRO A 325 9.19 -20.54 13.06
CA PRO A 325 8.14 -21.09 12.18
C PRO A 325 7.49 -22.30 12.82
N GLN A 326 6.20 -22.49 12.50
CA GLN A 326 5.49 -23.68 13.00
C GLN A 326 5.78 -24.87 12.08
N LEU A 327 7.03 -25.32 12.13
CA LEU A 327 7.44 -26.46 11.32
C LEU A 327 6.86 -27.76 11.86
N ASP A 328 6.56 -28.66 10.94
CA ASP A 328 6.31 -30.04 11.31
C ASP A 328 7.64 -30.78 11.42
N GLU A 329 7.59 -32.06 11.70
CA GLU A 329 8.86 -32.78 11.78
C GLU A 329 9.29 -33.18 10.37
N PRO A 330 10.55 -33.01 10.00
CA PRO A 330 10.96 -33.17 8.61
C PRO A 330 10.73 -34.58 8.10
N ILE A 331 10.71 -34.70 6.77
CA ILE A 331 10.39 -35.95 6.11
C ILE A 331 11.46 -36.23 5.07
N PRO A 332 11.65 -37.50 4.72
CA PRO A 332 12.55 -37.85 3.62
C PRO A 332 11.88 -37.59 2.28
N LEU A 333 12.69 -37.62 1.21
CA LEU A 333 12.20 -37.24 -0.10
C LEU A 333 11.09 -38.18 -0.59
N TYR A 334 11.19 -39.48 -0.27
CA TYR A 334 10.23 -40.43 -0.84
C TYR A 334 8.83 -40.24 -0.27
N GLU A 335 8.70 -39.63 0.89
CA GLU A 335 7.40 -39.29 1.45
C GLU A 335 6.90 -37.93 0.97
N ALA A 336 7.57 -37.34 -0.03
CA ALA A 336 7.22 -35.99 -0.44
C ALA A 336 6.02 -35.93 -1.37
N LYS A 337 5.67 -37.04 -2.03
CA LYS A 337 4.52 -37.01 -2.93
C LYS A 337 3.20 -37.17 -2.18
N VAL A 338 3.19 -37.97 -1.11
CA VAL A 338 2.02 -38.03 -0.23
C VAL A 338 1.83 -36.70 0.49
N SER A 339 2.88 -36.23 1.16
CA SER A 339 2.85 -34.93 1.83
C SER A 339 2.36 -33.83 0.89
N MET A 340 3.03 -33.69 -0.27
CA MET A 340 2.61 -32.68 -1.24
C MET A 340 1.11 -32.80 -1.55
N GLU A 341 0.62 -34.04 -1.67
CA GLU A 341 -0.80 -34.24 -1.91
C GLU A 341 -1.63 -33.59 -0.81
N ALA A 342 -1.31 -33.90 0.45
CA ALA A 342 -1.99 -33.24 1.56
C ALA A 342 -1.77 -31.74 1.54
N VAL A 343 -0.58 -31.30 1.10
CA VAL A 343 -0.37 -29.86 1.10
C VAL A 343 -1.21 -29.22 0.00
N GLN A 344 -1.50 -29.95 -1.08
CA GLN A 344 -2.23 -29.33 -2.18
C GLN A 344 -3.69 -29.09 -1.82
N LYS A 345 -4.27 -29.92 -0.95
CA LYS A 345 -5.63 -29.77 -0.48
C LYS A 345 -5.75 -28.90 0.77
N ASN A 346 -4.63 -28.42 1.31
CA ASN A 346 -4.61 -27.61 2.53
C ASN A 346 -5.18 -28.36 3.73
N GLN A 347 -4.78 -29.62 3.88
CA GLN A 347 -5.07 -30.39 5.09
C GLN A 347 -3.78 -30.46 5.92
N GLY A 348 -3.79 -29.79 7.07
CA GLY A 348 -2.60 -29.63 7.88
C GLY A 348 -2.27 -28.18 8.09
N ARG A 349 -1.80 -27.83 9.28
CA ARG A 349 -1.49 -26.45 9.64
C ARG A 349 -0.01 -26.19 9.80
N LYS A 350 0.74 -27.12 10.39
CA LYS A 350 2.19 -26.96 10.46
C LYS A 350 2.78 -26.95 9.06
N LYS A 351 4.03 -26.51 8.98
CA LYS A 351 4.75 -26.36 7.73
C LYS A 351 5.58 -27.62 7.46
N GLN A 352 5.36 -28.23 6.29
CA GLN A 352 6.08 -29.44 5.90
C GLN A 352 7.39 -29.08 5.22
N VAL A 353 8.47 -29.78 5.61
CA VAL A 353 9.79 -29.54 5.03
C VAL A 353 10.45 -30.89 4.78
N VAL A 354 10.88 -31.12 3.55
CA VAL A 354 11.68 -32.31 3.25
C VAL A 354 13.12 -32.07 3.70
N GLN A 355 13.64 -33.00 4.49
CA GLN A 355 15.04 -32.99 4.89
C GLN A 355 15.83 -34.01 4.09
N PHE A 356 17.03 -33.62 3.68
CA PHE A 356 17.93 -34.50 2.95
C PHE A 356 19.09 -34.95 3.84
N VAL B 34 -19.12 37.06 18.89
CA VAL B 34 -18.79 36.84 20.29
C VAL B 34 -17.85 35.65 20.46
N THR B 35 -16.72 35.88 21.12
CA THR B 35 -15.72 34.83 21.28
C THR B 35 -16.09 33.89 22.42
N GLU B 36 -15.70 32.63 22.27
CA GLU B 36 -15.84 31.63 23.31
C GLU B 36 -14.45 31.14 23.70
N ASP B 37 -14.36 30.54 24.89
CA ASP B 37 -13.08 30.07 25.40
C ASP B 37 -12.64 28.80 24.69
N ASN B 38 -11.33 28.59 24.65
CA ASN B 38 -10.66 27.53 23.91
C ASN B 38 -10.80 27.69 22.40
N PHE B 39 -11.43 28.77 21.95
CA PHE B 39 -11.46 29.17 20.55
C PHE B 39 -10.64 30.43 20.38
N VAL B 40 -10.39 30.81 19.13
CA VAL B 40 -9.61 31.99 18.82
C VAL B 40 -10.35 32.84 17.79
N LYS B 41 -10.50 34.13 18.10
CA LYS B 41 -10.92 35.13 17.12
C LYS B 41 -9.71 35.57 16.30
N LEU B 42 -9.86 35.60 14.99
CA LEU B 42 -8.79 36.08 14.12
C LEU B 42 -9.36 36.93 12.99
N GLN B 43 -8.55 37.86 12.51
CA GLN B 43 -8.90 38.80 11.46
C GLN B 43 -8.35 38.26 10.14
N VAL B 44 -9.25 37.96 9.19
CA VAL B 44 -8.82 37.27 7.99
C VAL B 44 -7.92 38.18 7.16
N LYS B 45 -6.83 37.59 6.64
CA LYS B 45 -5.98 38.27 5.68
C LYS B 45 -6.23 37.80 4.26
N ALA B 46 -6.77 36.59 4.11
CA ALA B 46 -7.13 35.98 2.83
C ALA B 46 -7.96 34.73 3.12
N CYS B 47 -8.87 34.41 2.19
CA CYS B 47 -9.70 33.23 2.28
C CYS B 47 -9.90 32.67 0.86
N ALA B 48 -9.10 31.68 0.50
CA ALA B 48 -9.32 30.97 -0.75
C ALA B 48 -10.61 30.16 -0.65
N LEU B 49 -11.31 30.07 -1.77
CA LEU B 49 -12.56 29.31 -1.83
C LEU B 49 -12.40 28.14 -2.79
N SER B 50 -13.11 27.05 -2.50
CA SER B 50 -13.05 25.83 -3.29
C SER B 50 -14.47 25.30 -3.47
N GLN B 51 -14.59 24.29 -4.32
CA GLN B 51 -15.89 23.68 -4.60
C GLN B 51 -16.49 23.11 -3.31
N ILE B 52 -17.77 23.41 -3.09
CA ILE B 52 -18.50 22.88 -1.95
C ILE B 52 -19.14 21.55 -2.35
N ASN B 53 -18.85 20.50 -1.58
CA ASN B 53 -19.37 19.17 -1.88
C ASN B 53 -20.78 19.05 -1.31
N THR B 54 -21.76 18.89 -2.19
CA THR B 54 -23.16 18.91 -1.76
C THR B 54 -23.52 17.66 -0.97
N LYS B 55 -23.25 16.47 -1.52
CA LYS B 55 -23.70 15.23 -0.89
C LYS B 55 -22.86 14.81 0.30
N LEU B 56 -21.66 15.39 0.48
CA LEU B 56 -20.98 15.21 1.76
C LEU B 56 -21.73 15.94 2.87
N LEU B 57 -22.18 17.16 2.58
CA LEU B 57 -23.08 17.88 3.48
C LEU B 57 -24.39 17.12 3.66
N ALA B 58 -24.89 16.49 2.60
CA ALA B 58 -26.16 15.77 2.70
C ALA B 58 -26.03 14.52 3.56
N GLU B 59 -24.95 13.77 3.37
CA GLU B 59 -24.75 12.56 4.18
C GLU B 59 -24.41 12.91 5.62
N MET B 60 -23.81 14.08 5.85
CA MET B 60 -23.42 14.45 7.21
C MET B 60 -24.63 14.85 8.07
N LYS B 61 -25.60 15.52 7.48
CA LYS B 61 -26.71 16.16 8.20
C LYS B 61 -26.17 17.19 9.19
N ASP B 65 -30.98 26.58 7.92
CA ASP B 65 -30.60 27.97 8.12
C ASP B 65 -29.69 28.47 7.00
N LEU B 66 -28.39 28.47 7.27
CA LEU B 66 -27.38 28.99 6.35
C LEU B 66 -26.26 27.96 6.19
N PHE B 67 -25.64 27.97 5.03
CA PHE B 67 -24.48 27.12 4.75
C PHE B 67 -23.23 27.99 4.79
N PRO B 68 -22.40 27.88 5.83
CA PRO B 68 -21.19 28.72 5.89
C PRO B 68 -20.24 28.40 4.76
N VAL B 69 -19.70 29.44 4.13
CA VAL B 69 -18.82 29.32 2.97
C VAL B 69 -17.46 29.90 3.31
N GLY B 70 -16.40 29.20 2.92
CA GLY B 70 -15.07 29.65 3.23
C GLY B 70 -14.40 28.77 4.28
N ARG B 71 -13.22 28.24 3.96
CA ARG B 71 -12.50 27.38 4.89
C ARG B 71 -10.99 27.53 4.86
N GLU B 72 -10.38 27.98 3.77
CA GLU B 72 -8.92 28.05 3.66
C GLU B 72 -8.48 29.47 3.97
N ILE B 73 -8.15 29.71 5.24
CA ILE B 73 -7.96 31.07 5.76
C ILE B 73 -6.52 31.28 6.14
N ALA B 74 -6.08 32.54 6.05
CA ALA B 74 -4.77 32.97 6.55
C ALA B 74 -4.96 34.34 7.21
N GLY B 75 -5.06 34.33 8.54
CA GLY B 75 -5.44 35.53 9.26
C GLY B 75 -4.47 35.94 10.35
N ILE B 76 -4.89 36.85 11.22
CA ILE B 76 -4.09 37.40 12.30
C ILE B 76 -4.97 37.45 13.56
N VAL B 77 -4.57 36.68 14.58
CA VAL B 77 -5.42 36.46 15.74
C VAL B 77 -5.79 37.77 16.41
N LEU B 78 -7.05 37.88 16.83
CA LEU B 78 -7.54 39.07 17.52
C LEU B 78 -7.56 38.87 19.03
N ASP B 79 -8.58 38.17 19.53
CA ASP B 79 -8.73 37.86 20.94
C ASP B 79 -8.55 36.36 21.13
N VAL B 80 -8.01 35.98 22.28
CA VAL B 80 -7.71 34.59 22.60
C VAL B 80 -8.64 34.11 23.71
N GLY B 81 -9.09 32.87 23.61
CA GLY B 81 -9.89 32.28 24.67
C GLY B 81 -9.09 32.14 25.97
N SER B 82 -9.81 31.72 27.02
CA SER B 82 -9.19 31.68 28.35
C SER B 82 -8.18 30.55 28.47
N LYS B 83 -8.33 29.47 27.70
CA LYS B 83 -7.45 28.31 27.85
C LYS B 83 -6.73 27.93 26.56
N VAL B 84 -6.71 28.80 25.56
CA VAL B 84 -5.85 28.58 24.40
C VAL B 84 -4.43 28.97 24.78
N SER B 85 -3.45 28.21 24.26
CA SER B 85 -2.05 28.37 24.62
C SER B 85 -1.15 28.63 23.44
N PHE B 86 -1.35 27.94 22.31
CA PHE B 86 -0.39 27.97 21.22
C PHE B 86 -0.38 29.29 20.46
N PHE B 87 -1.41 30.12 20.63
CA PHE B 87 -1.51 31.36 19.85
C PHE B 87 -1.76 32.54 20.77
N GLN B 88 -1.02 33.63 20.55
CA GLN B 88 -1.16 34.88 21.27
C GLN B 88 -1.58 35.97 20.31
N PRO B 89 -2.38 36.95 20.74
CA PRO B 89 -2.85 37.98 19.81
C PRO B 89 -1.69 38.70 19.13
N ASP B 90 -1.94 39.14 17.89
CA ASP B 90 -0.96 39.71 16.98
C ASP B 90 -0.05 38.65 16.38
N ASP B 91 -0.52 37.40 16.28
CA ASP B 91 0.18 36.33 15.60
C ASP B 91 -0.51 36.05 14.27
N GLU B 92 0.29 35.73 13.26
CA GLU B 92 -0.20 35.45 11.91
C GLU B 92 -0.28 33.95 11.71
N VAL B 93 -1.42 33.47 11.21
CA VAL B 93 -1.72 32.05 11.15
C VAL B 93 -2.33 31.70 9.80
N VAL B 94 -2.38 30.39 9.52
CA VAL B 94 -3.00 29.83 8.33
C VAL B 94 -3.60 28.47 8.71
N GLY B 95 -4.76 28.16 8.17
CA GLY B 95 -5.39 26.88 8.48
C GLY B 95 -6.66 26.66 7.67
N ILE B 96 -7.22 25.46 7.87
CA ILE B 96 -8.44 25.03 7.19
C ILE B 96 -9.51 24.80 8.25
N LEU B 97 -10.65 25.47 8.10
CA LEU B 97 -11.76 25.33 9.02
C LEU B 97 -12.46 24.00 8.82
N PRO B 98 -13.15 23.49 9.84
CA PRO B 98 -13.88 22.23 9.70
C PRO B 98 -15.22 22.43 9.01
N LEU B 99 -15.81 21.30 8.60
CA LEU B 99 -17.09 21.36 7.90
C LEU B 99 -18.22 21.82 8.81
N ASP B 100 -18.17 21.44 10.09
CA ASP B 100 -19.17 21.85 11.06
C ASP B 100 -18.93 23.23 11.63
N SER B 101 -18.08 24.04 10.98
CA SER B 101 -17.73 25.36 11.50
C SER B 101 -18.96 26.26 11.55
N GLU B 102 -19.27 26.76 12.74
CA GLU B 102 -20.38 27.70 12.88
C GLU B 102 -20.14 28.95 12.05
N ASP B 103 -18.91 29.47 12.09
CA ASP B 103 -18.53 30.66 11.34
C ASP B 103 -18.18 30.28 9.90
N PRO B 104 -18.42 31.20 8.95
CA PRO B 104 -17.98 30.97 7.56
C PRO B 104 -16.67 31.70 7.27
N GLY B 105 -15.72 31.01 6.65
CA GLY B 105 -14.43 31.60 6.39
C GLY B 105 -14.50 32.89 5.61
N LEU B 106 -15.41 32.97 4.63
CA LEU B 106 -15.61 34.21 3.90
C LEU B 106 -16.29 35.22 4.80
N CYS B 107 -15.48 36.04 5.48
CA CYS B 107 -15.94 37.06 6.41
C CYS B 107 -14.75 37.93 6.76
N GLU B 108 -15.01 39.06 7.41
CA GLU B 108 -13.90 39.92 7.82
C GLU B 108 -13.07 39.26 8.91
N VAL B 109 -13.74 38.63 9.89
CA VAL B 109 -13.10 37.86 10.96
C VAL B 109 -13.96 36.64 11.25
N VAL B 110 -13.35 35.64 11.90
CA VAL B 110 -14.08 34.43 12.29
C VAL B 110 -13.50 33.90 13.61
N ARG B 111 -14.23 32.98 14.21
CA ARG B 111 -13.76 32.15 15.32
C ARG B 111 -13.37 30.78 14.79
N VAL B 112 -12.36 30.16 15.43
CA VAL B 112 -11.96 28.81 15.07
C VAL B 112 -11.14 28.24 16.22
N HIS B 113 -11.30 26.94 16.47
CA HIS B 113 -10.50 26.22 17.45
C HIS B 113 -9.02 26.35 17.13
N GLU B 114 -8.20 26.29 18.18
CA GLU B 114 -6.76 26.50 18.03
C GLU B 114 -6.04 25.30 17.41
N HIS B 115 -6.60 24.09 17.50
CA HIS B 115 -5.95 22.94 16.89
C HIS B 115 -6.47 22.68 15.47
N TYR B 116 -7.02 23.71 14.81
CA TYR B 116 -7.27 23.70 13.38
C TYR B 116 -6.37 24.69 12.66
N LEU B 117 -5.35 25.22 13.34
CA LEU B 117 -4.56 26.33 12.83
C LEU B 117 -3.07 26.01 12.95
N VAL B 118 -2.26 26.78 12.21
CA VAL B 118 -0.81 26.65 12.24
C VAL B 118 -0.23 28.03 11.99
N HIS B 119 1.05 28.21 12.34
CA HIS B 119 1.70 29.51 12.17
C HIS B 119 2.15 29.70 10.73
N LYS B 120 1.85 30.88 10.18
CA LYS B 120 2.25 31.19 8.82
C LYS B 120 3.68 31.72 8.80
N PRO B 121 4.55 31.17 7.96
CA PRO B 121 5.93 31.68 7.91
C PRO B 121 5.96 33.11 7.41
N GLU B 122 6.98 33.85 7.87
CA GLU B 122 7.04 35.29 7.64
C GLU B 122 7.19 35.61 6.15
N LYS B 123 8.03 34.86 5.42
CA LYS B 123 8.28 35.17 4.03
C LYS B 123 7.03 34.97 3.17
N VAL B 124 6.21 33.96 3.50
CA VAL B 124 5.05 33.64 2.68
C VAL B 124 4.08 34.82 2.69
N THR B 125 3.48 35.08 1.54
CA THR B 125 2.37 36.01 1.50
C THR B 125 1.16 35.37 2.17
N TRP B 126 0.01 36.04 2.09
CA TRP B 126 -1.19 35.53 2.74
C TRP B 126 -2.21 34.99 1.74
N THR B 127 -2.22 35.52 0.52
CA THR B 127 -2.93 34.87 -0.57
C THR B 127 -2.30 33.54 -0.92
N GLU B 128 -0.97 33.49 -1.01
CA GLU B 128 -0.28 32.23 -1.25
C GLU B 128 -0.62 31.20 -0.20
N ALA B 129 -0.56 31.60 1.08
CA ALA B 129 -0.87 30.68 2.18
C ALA B 129 -2.29 30.15 2.06
N ALA B 130 -3.28 31.06 2.03
CA ALA B 130 -4.67 30.61 1.97
C ALA B 130 -4.94 29.76 0.74
N GLY B 131 -4.24 30.02 -0.36
CA GLY B 131 -4.49 29.30 -1.58
C GLY B 131 -3.74 27.99 -1.71
N SER B 132 -2.72 27.79 -0.86
CA SER B 132 -1.88 26.61 -0.94
C SER B 132 -2.13 25.62 0.19
N ILE B 133 -2.80 26.02 1.26
CA ILE B 133 -2.88 25.12 2.43
C ILE B 133 -3.66 23.86 2.09
N ARG B 134 -4.79 23.99 1.38
CA ARG B 134 -5.66 22.85 1.11
C ARG B 134 -5.05 21.92 0.08
N ASP B 135 -4.74 22.44 -1.11
CA ASP B 135 -4.12 21.61 -2.14
C ASP B 135 -2.79 21.04 -1.68
N GLY B 136 -2.06 21.80 -0.85
CA GLY B 136 -0.80 21.29 -0.32
C GLY B 136 -1.00 20.13 0.65
N VAL B 137 -2.03 20.21 1.49
CA VAL B 137 -2.43 19.07 2.31
C VAL B 137 -2.70 17.85 1.43
N ARG B 138 -3.58 18.02 0.44
CA ARG B 138 -3.98 16.88 -0.40
C ARG B 138 -2.78 16.27 -1.12
N ALA B 139 -1.90 17.10 -1.67
CA ALA B 139 -0.70 16.59 -2.33
C ALA B 139 0.19 15.85 -1.34
N TYR B 140 0.32 16.38 -0.14
CA TYR B 140 1.19 15.75 0.85
C TYR B 140 0.66 14.38 1.27
N THR B 141 -0.64 14.27 1.51
CA THR B 141 -1.19 12.97 1.87
C THR B 141 -1.09 12.00 0.69
N ALA B 142 -1.56 12.43 -0.48
CA ALA B 142 -1.61 11.52 -1.63
C ALA B 142 -0.24 11.00 -2.01
N LEU B 143 0.78 11.85 -1.93
CA LEU B 143 2.11 11.47 -2.38
C LEU B 143 3.04 11.05 -1.25
N HIS B 144 2.64 11.21 0.01
CA HIS B 144 3.50 10.87 1.13
C HIS B 144 2.88 9.88 2.12
N TYR B 145 1.56 9.86 2.25
CA TYR B 145 0.91 8.97 3.21
C TYR B 145 0.10 7.85 2.56
N LEU B 146 -0.59 8.13 1.45
CA LEU B 146 -1.23 7.06 0.67
C LEU B 146 -0.31 6.48 -0.40
N SER B 147 0.83 7.12 -0.64
CA SER B 147 1.87 6.59 -1.50
C SER B 147 3.19 7.15 -1.02
N HIS B 148 4.29 6.57 -1.49
CA HIS B 148 5.61 6.95 -1.01
C HIS B 148 6.49 7.32 -2.19
N LEU B 149 7.05 8.52 -2.14
CA LEU B 149 7.89 9.06 -3.21
C LEU B 149 9.34 9.09 -2.79
N SER B 150 10.22 8.73 -3.72
CA SER B 150 11.65 8.70 -3.48
C SER B 150 12.35 8.96 -4.80
N PRO B 151 13.64 9.27 -4.77
CA PRO B 151 14.37 9.51 -6.03
C PRO B 151 14.26 8.34 -6.99
N GLY B 152 13.90 8.65 -8.24
CA GLY B 152 13.85 7.67 -9.31
C GLY B 152 12.48 7.15 -9.66
N LYS B 153 11.45 7.51 -8.89
CA LYS B 153 10.13 6.94 -9.10
C LYS B 153 9.33 7.72 -10.13
N SER B 154 8.34 7.05 -10.72
CA SER B 154 7.49 7.63 -11.75
C SER B 154 6.08 7.82 -11.24
N VAL B 155 5.46 8.94 -11.58
CA VAL B 155 4.14 9.30 -11.10
C VAL B 155 3.35 9.96 -12.22
N LEU B 156 2.14 9.45 -12.48
CA LEU B 156 1.23 10.02 -13.45
C LEU B 156 0.27 10.94 -12.73
N ILE B 157 0.50 12.24 -12.84
CA ILE B 157 -0.34 13.26 -12.21
C ILE B 157 -1.37 13.71 -13.24
N MET B 158 -2.61 13.27 -13.06
CA MET B 158 -3.66 13.57 -14.03
C MET B 158 -4.19 14.98 -13.81
N ASP B 159 -4.43 15.68 -14.91
CA ASP B 159 -4.78 17.10 -14.92
C ASP B 159 -3.74 17.91 -14.13
N GLY B 160 -2.52 17.90 -14.65
CA GLY B 160 -1.43 18.58 -13.96
C GLY B 160 -1.53 20.08 -13.96
N ALA B 161 -2.39 20.65 -14.81
CA ALA B 161 -2.52 22.09 -14.93
C ALA B 161 -3.47 22.69 -13.90
N SER B 162 -4.31 21.89 -13.28
CA SER B 162 -5.11 22.37 -12.16
C SER B 162 -4.20 22.81 -11.03
N ALA B 163 -4.76 23.63 -10.12
CA ALA B 163 -3.98 24.12 -8.98
C ALA B 163 -3.42 22.96 -8.17
N PHE B 164 -4.29 22.02 -7.79
CA PHE B 164 -3.84 20.80 -7.13
C PHE B 164 -2.77 20.10 -7.97
N GLY B 165 -2.99 20.03 -9.28
CA GLY B 165 -1.99 19.43 -10.14
C GLY B 165 -0.65 20.14 -10.07
N THR B 166 -0.66 21.47 -10.10
CA THR B 166 0.58 22.24 -10.05
C THR B 166 1.35 21.95 -8.76
N ILE B 167 0.67 22.07 -7.62
CA ILE B 167 1.33 21.81 -6.34
C ILE B 167 1.87 20.38 -6.30
N ALA B 168 1.04 19.40 -6.68
CA ALA B 168 1.48 18.02 -6.70
C ALA B 168 2.72 17.82 -7.56
N ILE B 169 2.74 18.42 -8.75
CA ILE B 169 3.91 18.30 -9.62
C ILE B 169 5.14 18.86 -8.93
N GLN B 170 4.97 19.96 -8.19
CA GLN B 170 6.11 20.55 -7.51
C GLN B 170 6.64 19.67 -6.37
N LEU B 171 5.74 18.96 -5.68
CA LEU B 171 6.18 17.98 -4.69
C LEU B 171 6.98 16.86 -5.35
N ALA B 172 6.39 16.23 -6.38
CA ALA B 172 7.03 15.14 -7.10
C ALA B 172 8.44 15.54 -7.56
N HIS B 173 8.55 16.72 -8.18
CA HIS B 173 9.87 17.19 -8.61
C HIS B 173 10.79 17.40 -7.43
N HIS B 174 10.27 17.91 -6.32
CA HIS B 174 11.10 18.17 -5.15
C HIS B 174 11.74 16.89 -4.62
N ARG B 175 11.02 15.77 -4.67
CA ARG B 175 11.59 14.52 -4.19
C ARG B 175 12.48 13.83 -5.21
N GLY B 176 12.43 14.23 -6.48
CA GLY B 176 13.23 13.63 -7.52
C GLY B 176 12.48 12.69 -8.44
N ALA B 177 11.15 12.72 -8.44
CA ALA B 177 10.38 11.83 -9.27
C ALA B 177 10.47 12.24 -10.74
N LYS B 178 10.11 11.30 -11.61
CA LYS B 178 9.88 11.56 -13.02
C LYS B 178 8.36 11.65 -13.22
N VAL B 179 7.89 12.81 -13.63
CA VAL B 179 6.45 13.11 -13.64
C VAL B 179 5.93 13.02 -15.07
N ILE B 180 4.89 12.21 -15.26
CA ILE B 180 4.07 12.21 -16.46
C ILE B 180 2.72 12.80 -16.07
N SER B 181 2.17 13.68 -16.90
CA SER B 181 0.94 14.36 -16.56
C SER B 181 0.01 14.41 -17.76
N THR B 182 -1.28 14.60 -17.46
CA THR B 182 -2.33 14.66 -18.47
C THR B 182 -2.79 16.10 -18.63
N ALA B 183 -2.85 16.57 -19.88
CA ALA B 183 -3.33 17.90 -20.20
C ALA B 183 -4.67 17.76 -20.91
N CYS B 184 -5.72 18.40 -20.37
CA CYS B 184 -7.07 18.25 -20.91
C CYS B 184 -7.43 19.32 -21.93
N SER B 185 -6.67 20.42 -21.98
CA SER B 185 -6.94 21.50 -22.91
C SER B 185 -5.62 22.06 -23.42
N LEU B 186 -5.71 22.84 -24.50
CA LEU B 186 -4.52 23.49 -25.03
C LEU B 186 -3.96 24.48 -24.01
N GLU B 187 -4.83 25.23 -23.35
CA GLU B 187 -4.39 26.12 -22.27
C GLU B 187 -3.62 25.34 -21.22
N ASP B 188 -4.16 24.18 -20.81
CA ASP B 188 -3.46 23.29 -19.89
C ASP B 188 -2.16 22.79 -20.50
N LYS B 189 -2.21 22.39 -21.78
CA LYS B 189 -1.05 21.89 -22.48
C LYS B 189 0.12 22.85 -22.38
N GLN B 190 -0.02 24.05 -22.95
CA GLN B 190 1.09 25.00 -22.89
C GLN B 190 1.32 25.53 -21.48
N CYS B 191 0.37 25.32 -20.58
CA CYS B 191 0.60 25.66 -19.17
C CYS B 191 1.66 24.75 -18.55
N LEU B 192 1.62 23.45 -18.87
CA LEU B 192 2.52 22.48 -18.26
C LEU B 192 3.88 22.41 -18.93
N GLU B 193 3.95 22.59 -20.26
CA GLU B 193 5.21 22.47 -20.97
C GLU B 193 6.22 23.55 -20.57
N ARG B 194 5.77 24.63 -19.92
CA ARG B 194 6.62 25.74 -19.55
C ARG B 194 7.02 25.72 -18.09
N PHE B 195 6.83 24.60 -17.39
CA PHE B 195 7.35 24.46 -16.04
C PHE B 195 8.86 24.64 -16.05
N ARG B 196 9.37 25.42 -15.08
CA ARG B 196 10.80 25.71 -15.01
C ARG B 196 11.65 24.44 -14.97
N PRO B 197 11.33 23.43 -14.17
CA PRO B 197 12.01 22.16 -14.33
C PRO B 197 11.14 21.22 -15.12
N PRO B 198 11.35 21.13 -16.44
CA PRO B 198 10.33 20.55 -17.31
C PRO B 198 9.96 19.14 -16.90
N ILE B 199 8.67 18.83 -16.98
CA ILE B 199 8.22 17.49 -16.67
C ILE B 199 8.67 16.53 -17.76
N ALA B 200 8.67 15.23 -17.43
CA ALA B 200 9.11 14.23 -18.40
C ALA B 200 8.29 14.29 -19.68
N ARG B 201 6.97 14.36 -19.56
CA ARG B 201 6.12 14.24 -20.73
C ARG B 201 4.72 14.74 -20.42
N VAL B 202 4.11 15.44 -21.38
CA VAL B 202 2.74 15.93 -21.29
C VAL B 202 1.90 15.14 -22.29
N ILE B 203 1.04 14.26 -21.79
CA ILE B 203 0.08 13.55 -22.63
C ILE B 203 -1.20 14.39 -22.67
N ASP B 204 -1.58 14.82 -23.87
CA ASP B 204 -2.76 15.67 -24.03
C ASP B 204 -3.94 14.77 -24.41
N VAL B 205 -4.92 14.71 -23.52
CA VAL B 205 -6.16 13.96 -23.75
C VAL B 205 -7.17 14.93 -24.34
N SER B 206 -6.70 16.14 -24.65
CA SER B 206 -7.57 17.19 -25.16
C SER B 206 -8.24 16.77 -26.47
N ASN B 207 -7.58 15.96 -27.27
CA ASN B 207 -8.15 15.53 -28.53
C ASN B 207 -9.08 14.33 -28.31
N GLY B 208 -9.59 13.80 -29.42
CA GLY B 208 -10.56 12.71 -29.33
C GLY B 208 -9.99 11.45 -28.68
N LYS B 209 -8.72 11.14 -28.95
CA LYS B 209 -8.13 9.90 -28.44
C LYS B 209 -6.63 10.07 -28.26
N VAL B 210 -6.09 9.38 -27.26
CA VAL B 210 -4.65 9.30 -27.06
C VAL B 210 -4.36 8.02 -26.29
N HIS B 211 -3.27 7.34 -26.62
CA HIS B 211 -2.97 6.07 -25.95
C HIS B 211 -2.13 6.36 -24.71
N VAL B 212 -2.84 6.74 -23.64
CA VAL B 212 -2.17 7.15 -22.40
C VAL B 212 -1.44 5.97 -21.77
N ALA B 213 -2.11 4.81 -21.69
CA ALA B 213 -1.47 3.64 -21.12
C ALA B 213 -0.23 3.24 -21.92
N GLU B 214 -0.37 3.17 -23.24
CA GLU B 214 0.76 2.76 -24.08
C GLU B 214 1.87 3.80 -24.07
N SER B 215 1.53 5.08 -23.97
CA SER B 215 2.55 6.11 -24.01
C SER B 215 3.31 6.22 -22.69
N CYS B 216 2.63 6.01 -21.56
CA CYS B 216 3.35 6.04 -20.29
C CYS B 216 4.11 4.75 -20.06
N LEU B 217 3.56 3.61 -20.46
CA LEU B 217 4.36 2.38 -20.49
C LEU B 217 5.57 2.58 -21.39
N GLU B 218 5.40 3.31 -22.49
CA GLU B 218 6.50 3.64 -23.38
C GLU B 218 7.52 4.54 -22.69
N GLU B 219 7.05 5.47 -21.87
CA GLU B 219 7.95 6.38 -21.17
C GLU B 219 8.67 5.72 -20.00
N THR B 220 8.10 4.65 -19.42
CA THR B 220 8.74 4.00 -18.30
C THR B 220 9.75 2.94 -18.72
N GLY B 221 9.62 2.39 -19.93
CA GLY B 221 10.48 1.32 -20.38
C GLY B 221 9.91 -0.05 -20.07
N GLY B 222 8.60 -0.21 -20.30
CA GLY B 222 7.90 -1.43 -19.96
C GLY B 222 7.55 -1.58 -18.50
N LEU B 223 8.20 -0.82 -17.61
CA LEU B 223 8.00 -0.97 -16.17
C LEU B 223 6.58 -0.61 -15.76
N GLY B 224 6.07 0.50 -16.28
CA GLY B 224 4.83 1.07 -15.79
C GLY B 224 5.10 2.16 -14.77
N VAL B 225 4.02 2.86 -14.40
CA VAL B 225 4.12 3.99 -13.47
C VAL B 225 4.02 3.47 -12.03
N ASP B 226 4.82 4.06 -11.14
CA ASP B 226 4.80 3.67 -9.74
C ASP B 226 3.58 4.22 -9.01
N ILE B 227 3.33 5.52 -9.14
CA ILE B 227 2.18 6.15 -8.50
C ILE B 227 1.33 6.84 -9.56
N VAL B 228 0.05 6.47 -9.62
CA VAL B 228 -0.92 7.22 -10.41
C VAL B 228 -1.80 8.02 -9.44
N LEU B 229 -1.96 9.30 -9.73
CA LEU B 229 -2.68 10.24 -8.87
C LEU B 229 -3.94 10.67 -9.62
N ASP B 230 -5.03 9.93 -9.39
CA ASP B 230 -6.29 10.21 -10.07
C ASP B 230 -6.79 11.61 -9.77
N ALA B 231 -6.52 12.09 -8.55
CA ALA B 231 -6.89 13.45 -8.13
C ALA B 231 -8.39 13.68 -8.25
N PRO B 250 -8.52 9.10 -17.83
CA PRO B 250 -8.84 7.80 -18.44
C PRO B 250 -9.77 6.97 -17.59
N HIS B 251 -10.35 5.93 -18.21
CA HIS B 251 -11.11 4.94 -17.47
C HIS B 251 -10.15 4.02 -16.71
N LYS B 252 -10.72 3.14 -15.88
CA LYS B 252 -9.89 2.37 -14.97
C LYS B 252 -9.06 1.30 -15.69
N HIS B 253 -9.50 0.82 -16.87
CA HIS B 253 -8.72 -0.22 -17.54
C HIS B 253 -7.43 0.33 -18.11
N ASP B 254 -7.37 1.62 -18.43
CA ASP B 254 -6.09 2.24 -18.80
C ASP B 254 -5.17 2.34 -17.59
N ILE B 255 -5.74 2.63 -16.43
CA ILE B 255 -4.95 2.83 -15.22
C ILE B 255 -4.35 1.51 -14.75
N ILE B 256 -5.18 0.47 -14.72
CA ILE B 256 -4.73 -0.82 -14.16
C ILE B 256 -3.63 -1.44 -15.02
N THR B 257 -3.70 -1.27 -16.34
CA THR B 257 -2.59 -1.73 -17.17
C THR B 257 -1.38 -0.79 -17.03
N LEU B 258 -1.64 0.51 -16.89
CA LEU B 258 -0.53 1.46 -16.72
C LEU B 258 0.24 1.21 -15.43
N LEU B 259 -0.43 0.70 -14.40
CA LEU B 259 0.20 0.55 -13.10
C LEU B 259 1.43 -0.36 -13.18
N GLY B 260 2.52 0.09 -12.56
CA GLY B 260 3.71 -0.71 -12.48
C GLY B 260 3.63 -1.77 -11.39
N VAL B 261 4.68 -2.58 -11.31
CA VAL B 261 4.75 -3.65 -10.33
C VAL B 261 4.74 -3.05 -8.93
N GLY B 262 3.81 -3.50 -8.10
CA GLY B 262 3.64 -2.90 -6.79
C GLY B 262 3.20 -1.45 -6.83
N GLY B 263 2.54 -1.03 -7.90
CA GLY B 263 2.19 0.37 -8.05
C GLY B 263 1.03 0.80 -7.16
N HIS B 264 0.90 2.12 -7.02
CA HIS B 264 -0.10 2.71 -6.14
C HIS B 264 -1.06 3.57 -6.95
N TRP B 265 -2.35 3.24 -6.86
CA TRP B 265 -3.43 3.94 -7.53
C TRP B 265 -4.16 4.76 -6.48
N VAL B 266 -3.88 6.06 -6.43
CA VAL B 266 -4.43 6.96 -5.40
C VAL B 266 -5.63 7.67 -6.02
N THR B 267 -6.81 7.09 -5.86
CA THR B 267 -8.00 7.63 -6.49
C THR B 267 -8.72 8.61 -5.56
N THR B 268 -9.64 9.39 -6.15
CA THR B 268 -10.59 10.19 -5.39
C THR B 268 -12.03 9.82 -5.69
N GLU B 269 -12.26 8.81 -6.53
CA GLU B 269 -13.62 8.42 -6.87
C GLU B 269 -14.32 7.86 -5.63
N GLU B 270 -15.44 8.47 -5.27
CA GLU B 270 -16.17 8.15 -4.06
C GLU B 270 -17.15 7.00 -4.23
N ASN B 271 -17.29 6.44 -5.44
CA ASN B 271 -18.19 5.31 -5.63
C ASN B 271 -17.63 4.29 -6.63
N LEU B 272 -16.33 4.03 -6.55
CA LEU B 272 -15.69 3.15 -7.53
C LEU B 272 -16.27 1.75 -7.47
N GLN B 273 -16.59 1.20 -8.64
CA GLN B 273 -16.99 -0.19 -8.79
C GLN B 273 -15.81 -0.96 -9.38
N LEU B 274 -15.49 -2.11 -8.78
CA LEU B 274 -14.36 -2.91 -9.24
C LEU B 274 -14.84 -4.30 -9.60
N ASP B 275 -14.50 -4.76 -10.81
CA ASP B 275 -14.89 -6.08 -11.24
C ASP B 275 -13.79 -7.09 -10.91
N PRO B 276 -14.18 -8.34 -10.63
CA PRO B 276 -13.19 -9.37 -10.26
C PRO B 276 -12.04 -9.46 -11.25
N PRO B 277 -12.27 -9.32 -12.57
CA PRO B 277 -11.11 -9.32 -13.49
C PRO B 277 -10.18 -8.13 -13.32
N ASP B 278 -10.67 -6.97 -12.86
CA ASP B 278 -9.81 -5.82 -12.66
C ASP B 278 -8.99 -5.95 -11.38
N SER B 279 -9.67 -6.28 -10.28
CA SER B 279 -9.00 -6.49 -8.99
C SER B 279 -8.17 -7.76 -9.03
N HIS B 280 -8.22 -8.48 -10.14
CA HIS B 280 -7.30 -9.58 -10.38
C HIS B 280 -6.00 -9.10 -11.02
N CYS B 281 -6.10 -8.22 -12.03
CA CYS B 281 -4.89 -7.61 -12.60
C CYS B 281 -4.14 -6.82 -11.56
N LEU B 282 -4.87 -6.23 -10.60
CA LEU B 282 -4.18 -5.56 -9.49
C LEU B 282 -3.46 -6.57 -8.61
N PHE B 283 -4.09 -7.73 -8.35
CA PHE B 283 -3.46 -8.78 -7.58
C PHE B 283 -2.17 -9.26 -8.24
N LEU B 284 -2.19 -9.43 -9.56
CA LEU B 284 -1.01 -9.90 -10.26
C LEU B 284 0.13 -8.89 -10.17
N LYS B 285 -0.20 -7.61 -9.99
CA LYS B 285 0.80 -6.56 -9.90
C LYS B 285 1.12 -6.17 -8.46
N GLY B 286 0.52 -6.86 -7.49
CA GLY B 286 0.77 -6.52 -6.10
C GLY B 286 0.50 -5.07 -5.79
N ALA B 287 -0.57 -4.51 -6.37
CA ALA B 287 -0.81 -3.08 -6.32
C ALA B 287 -1.65 -2.70 -5.10
N THR B 288 -1.70 -1.40 -4.86
CA THR B 288 -2.48 -0.81 -3.76
C THR B 288 -3.46 0.20 -4.33
N LEU B 289 -4.72 0.11 -3.90
CA LEU B 289 -5.74 1.11 -4.21
C LEU B 289 -5.97 1.97 -2.97
N ALA B 290 -5.58 3.25 -3.03
CA ALA B 290 -5.69 4.17 -1.91
C ALA B 290 -6.70 5.28 -2.21
N PHE B 291 -7.69 5.46 -1.33
CA PHE B 291 -8.72 6.47 -1.49
C PHE B 291 -8.30 7.79 -0.84
N LEU B 292 -8.18 8.85 -1.65
CA LEU B 292 -7.82 10.17 -1.14
C LEU B 292 -9.09 10.92 -0.72
N ASN B 293 -9.20 11.20 0.58
CA ASN B 293 -10.33 11.92 1.15
C ASN B 293 -9.76 13.05 2.00
N ASP B 294 -10.00 14.28 1.58
CA ASP B 294 -9.36 15.44 2.21
C ASP B 294 -9.71 15.53 3.69
N GLU B 295 -10.99 15.44 4.02
CA GLU B 295 -11.48 15.72 5.37
C GLU B 295 -11.66 14.45 6.21
N VAL B 296 -10.61 13.65 6.33
CA VAL B 296 -10.60 12.55 7.28
C VAL B 296 -9.76 12.96 8.48
N TRP B 297 -8.77 13.82 8.24
CA TRP B 297 -8.01 14.39 9.35
C TRP B 297 -8.91 15.23 10.25
N ASN B 298 -9.68 16.14 9.64
CA ASN B 298 -10.51 17.07 10.41
C ASN B 298 -11.65 16.36 11.12
N LEU B 299 -12.12 15.23 10.59
CA LEU B 299 -13.27 14.53 11.16
C LEU B 299 -12.87 13.34 12.02
N SER B 300 -11.58 13.16 12.28
CA SER B 300 -11.09 12.13 13.19
C SER B 300 -10.26 12.79 14.28
N ASN B 301 -10.62 12.52 15.54
CA ASN B 301 -9.98 13.19 16.67
C ASN B 301 -8.57 12.68 16.95
N VAL B 302 -8.22 11.48 16.46
CA VAL B 302 -6.92 10.90 16.79
C VAL B 302 -5.81 11.47 15.91
N GLN B 303 -6.12 11.81 14.65
CA GLN B 303 -5.10 12.25 13.70
C GLN B 303 -4.69 13.70 13.90
N GLN B 304 -4.67 14.18 15.15
CA GLN B 304 -4.42 15.60 15.40
C GLN B 304 -3.00 16.01 14.99
N GLY B 305 -2.00 15.26 15.45
CA GLY B 305 -0.61 15.67 15.27
C GLY B 305 -0.09 15.63 13.85
N LYS B 306 -0.20 14.47 13.21
CA LYS B 306 0.27 14.27 11.85
C LYS B 306 -0.25 15.36 10.92
N TYR B 307 -1.57 15.54 10.94
CA TYR B 307 -2.24 16.63 10.24
C TYR B 307 -1.51 17.96 10.40
N LEU B 308 -1.36 18.39 11.66
CA LEU B 308 -0.71 19.67 11.92
C LEU B 308 0.65 19.73 11.24
N CYS B 309 1.43 18.65 11.40
CA CYS B 309 2.77 18.64 10.85
C CYS B 309 2.72 18.84 9.34
N ILE B 310 1.78 18.15 8.68
CA ILE B 310 1.57 18.36 7.25
C ILE B 310 1.43 19.85 6.97
N LEU B 311 0.48 20.50 7.66
CA LEU B 311 0.28 21.92 7.47
C LEU B 311 1.57 22.67 7.68
N LYS B 312 2.26 22.37 8.78
CA LYS B 312 3.48 23.11 9.09
C LYS B 312 4.56 22.83 8.06
N ASP B 313 4.53 21.65 7.45
CA ASP B 313 5.48 21.39 6.38
C ASP B 313 5.02 22.04 5.08
N VAL B 314 3.71 22.06 4.83
CA VAL B 314 3.19 22.67 3.60
C VAL B 314 3.63 24.13 3.51
N MET B 315 3.57 24.83 4.64
CA MET B 315 4.05 26.20 4.70
C MET B 315 5.58 26.26 4.64
N GLU B 316 6.26 25.29 5.24
CA GLU B 316 7.72 25.26 5.22
C GLU B 316 8.25 25.31 3.79
N LYS B 317 7.77 24.38 2.95
CA LYS B 317 8.16 24.41 1.54
C LYS B 317 7.68 25.69 0.88
N LEU B 318 6.52 26.19 1.29
CA LEU B 318 6.05 27.48 0.79
C LEU B 318 6.91 28.62 1.32
N SER B 319 7.52 28.44 2.50
CA SER B 319 8.44 29.45 3.01
C SER B 319 9.73 29.47 2.18
N THR B 320 10.25 28.28 1.85
CA THR B 320 11.37 28.17 0.93
C THR B 320 10.92 28.03 -0.52
N GLY B 321 9.65 28.33 -0.81
CA GLY B 321 9.18 28.50 -2.17
C GLY B 321 9.26 27.29 -3.06
N VAL B 322 9.43 26.09 -2.50
CA VAL B 322 9.42 24.88 -3.33
C VAL B 322 8.03 24.67 -3.92
N PHE B 323 6.98 24.92 -3.14
CA PHE B 323 5.65 25.07 -3.71
C PHE B 323 5.55 26.42 -4.41
N ARG B 324 4.70 26.47 -5.42
CA ARG B 324 4.13 27.73 -5.85
C ARG B 324 2.72 27.45 -6.33
N PRO B 325 1.72 28.10 -5.76
CA PRO B 325 0.36 27.91 -6.26
C PRO B 325 0.21 28.59 -7.61
N GLN B 326 -0.81 28.14 -8.36
CA GLN B 326 -1.25 28.84 -9.55
C GLN B 326 -2.65 29.34 -9.25
N LEU B 327 -2.84 30.66 -9.32
CA LEU B 327 -4.11 31.19 -8.80
C LEU B 327 -4.49 32.51 -9.47
N ASP B 328 -5.79 32.77 -9.45
CA ASP B 328 -6.38 33.98 -10.01
C ASP B 328 -5.90 35.20 -9.22
N GLU B 329 -6.04 36.37 -9.82
CA GLU B 329 -5.65 37.58 -9.12
C GLU B 329 -6.58 37.83 -7.94
N PRO B 330 -6.06 38.40 -6.85
CA PRO B 330 -6.88 38.60 -5.65
C PRO B 330 -8.08 39.49 -5.93
N ILE B 331 -9.27 38.93 -5.71
CA ILE B 331 -10.52 39.65 -5.86
C ILE B 331 -11.11 39.87 -4.47
N PRO B 332 -11.38 41.11 -4.05
CA PRO B 332 -11.84 41.35 -2.67
C PRO B 332 -13.20 40.74 -2.34
N LEU B 333 -13.68 41.04 -1.13
CA LEU B 333 -14.87 40.39 -0.59
C LEU B 333 -16.07 40.53 -1.51
N TYR B 334 -16.33 41.75 -1.97
CA TYR B 334 -17.52 42.01 -2.75
C TYR B 334 -17.44 41.38 -4.14
N GLU B 335 -18.52 40.70 -4.55
CA GLU B 335 -18.67 39.89 -5.82
C GLU B 335 -18.03 38.50 -5.71
N ALA B 336 -17.62 38.22 -4.48
CA ALA B 336 -17.04 36.96 -4.09
C ALA B 336 -18.03 35.82 -4.29
N LYS B 337 -19.30 36.07 -4.00
CA LYS B 337 -20.35 35.07 -4.17
C LYS B 337 -20.45 34.70 -5.63
N VAL B 338 -20.37 35.69 -6.52
CA VAL B 338 -20.40 35.39 -7.95
C VAL B 338 -19.17 34.54 -8.32
N SER B 339 -18.00 34.84 -7.75
CA SER B 339 -16.85 33.99 -8.04
C SER B 339 -17.09 32.53 -7.57
N MET B 340 -17.70 32.38 -6.41
CA MET B 340 -18.02 31.03 -5.89
C MET B 340 -19.01 30.30 -6.80
N GLU B 341 -19.96 31.05 -7.35
CA GLU B 341 -20.92 30.50 -8.29
C GLU B 341 -20.17 30.00 -9.50
N ALA B 342 -19.20 30.76 -9.97
CA ALA B 342 -18.39 30.36 -11.10
C ALA B 342 -17.68 29.05 -10.80
N VAL B 343 -17.10 28.93 -9.60
CA VAL B 343 -16.41 27.68 -9.23
C VAL B 343 -17.28 26.41 -9.35
N GLN B 344 -18.27 26.28 -8.46
CA GLN B 344 -19.26 25.21 -8.46
C GLN B 344 -19.69 24.80 -9.87
N LYS B 345 -19.38 25.61 -10.88
CA LYS B 345 -19.76 25.30 -12.26
C LYS B 345 -18.79 24.33 -12.94
N ASN B 346 -17.98 23.59 -12.19
CA ASN B 346 -16.94 22.74 -12.78
C ASN B 346 -16.02 23.56 -13.69
N GLN B 347 -15.75 24.79 -13.27
CA GLN B 347 -14.98 25.75 -14.04
C GLN B 347 -13.88 26.33 -13.17
N GLY B 348 -12.68 26.46 -13.74
CA GLY B 348 -11.59 27.13 -13.05
C GLY B 348 -10.35 26.30 -12.87
N ARG B 349 -9.28 26.64 -13.59
CA ARG B 349 -7.98 26.01 -13.42
C ARG B 349 -7.06 26.80 -12.50
N LYS B 350 -7.45 28.01 -12.11
CA LYS B 350 -6.66 28.84 -11.21
C LYS B 350 -7.34 28.91 -9.85
N LYS B 351 -6.53 28.94 -8.80
CA LYS B 351 -7.06 29.08 -7.46
C LYS B 351 -7.59 30.49 -7.25
N GLN B 352 -8.68 30.59 -6.49
CA GLN B 352 -9.39 31.84 -6.31
C GLN B 352 -9.38 32.19 -4.82
N VAL B 353 -8.65 33.24 -4.47
CA VAL B 353 -8.49 33.65 -3.08
C VAL B 353 -9.07 35.05 -2.90
N VAL B 354 -9.85 35.23 -1.83
CA VAL B 354 -10.37 36.53 -1.44
C VAL B 354 -9.35 37.21 -0.52
N GLN B 355 -9.23 38.53 -0.62
CA GLN B 355 -8.32 39.24 0.28
C GLN B 355 -8.98 40.45 0.95
#